data_8JMR
#
_entry.id   8JMR
#
_cell.length_a   103.831
_cell.length_b   103.831
_cell.length_c   103.831
_cell.angle_alpha   90.000
_cell.angle_beta   90.000
_cell.angle_gamma   90.000
#
_symmetry.space_group_name_H-M   'P 21 3'
#
loop_
_entity.id
_entity.type
_entity.pdbx_description
1 polymer 'Hinokiresinol synthase alpha subunit'
2 polymer 'Hinokiresinol synthase beta subunit'
3 non-polymer 'SULFATE ION'
4 non-polymer 1,7-bis(4-hydroxyphenyl)hepta-1,6-dien-3-one
5 water water
#
loop_
_entity_poly.entity_id
_entity_poly.type
_entity_poly.pdbx_seq_one_letter_code
_entity_poly.pdbx_strand_id
1 'polypeptide(L)'
;MDGQPELYAENSWREEMTGEKGILIYPRELEVVGGDDDSCWLWHSLILESQGQLGVEVPKLMGTKHVEVHGRWKISDLTP
GLKYQVLYMIMVEDPLEGWENCPLKLRVTLPDGSSQTQQVDLCKLPKGQLIMTVAGYFDCVGDGEVIFSVIETSDVVKKG
LVIKDAVIRPLPPMSLLLMN
;
A
2 'polypeptide(L)'
;MGSSHHHHHHSSGLVPRGSHMMATVAKELPKVYTENTWMEERNGDRGMLKYPRELDITNVDDGKSWVWHSLVFGSIGRLG
MEAPKLMGTTHVEIRGDFKMSKLTPGLKYQAVLLCMKTDGNEGWDSCPLNVELNLPDGTTQKREVDLTKFPTDEFVMMVL
GYFEAVESGDITFSVVDTSDCVKKGFVVKDAALRPLPR
;
B
#
loop_
_chem_comp.id
_chem_comp.type
_chem_comp.name
_chem_comp.formula
SO4 non-polymer 'SULFATE ION' 'O4 S -2'
UR0 non-polymer 1,7-bis(4-hydroxyphenyl)hepta-1,6-dien-3-one 'C19 H18 O3'
#
# COMPACT_ATOMS: atom_id res chain seq x y z
N GLN A 4 14.05 -17.46 -7.14
CA GLN A 4 12.61 -17.64 -6.98
C GLN A 4 11.88 -17.29 -8.27
N PRO A 5 10.83 -18.04 -8.61
CA PRO A 5 10.04 -17.69 -9.79
C PRO A 5 9.42 -16.32 -9.65
N GLU A 6 9.39 -15.59 -10.74
CA GLU A 6 8.84 -14.24 -10.74
C GLU A 6 7.35 -14.27 -11.02
N LEU A 7 6.62 -13.37 -10.35
CA LEU A 7 5.19 -13.19 -10.61
C LEU A 7 4.94 -11.73 -10.90
N TYR A 8 4.50 -11.44 -12.12
CA TYR A 8 4.20 -10.08 -12.54
C TYR A 8 2.71 -9.82 -12.34
N ALA A 9 2.40 -8.66 -11.75
CA ALA A 9 1.04 -8.32 -11.37
C ALA A 9 0.81 -6.83 -11.60
N GLU A 10 -0.45 -6.48 -11.84
CA GLU A 10 -0.84 -5.08 -11.87
C GLU A 10 -0.76 -4.49 -10.47
N ASN A 11 -0.24 -3.26 -10.38
CA ASN A 11 -0.04 -2.62 -9.08
C ASN A 11 -1.32 -1.86 -8.72
N SER A 12 -2.29 -2.62 -8.22
CA SER A 12 -3.64 -2.11 -8.03
C SER A 12 -4.34 -2.98 -6.99
N TRP A 13 -5.55 -2.56 -6.62
CA TRP A 13 -6.42 -3.41 -5.80
C TRP A 13 -7.87 -3.10 -6.14
N ARG A 14 -8.73 -4.08 -5.85
CA ARG A 14 -10.19 -3.92 -5.91
C ARG A 14 -10.75 -4.06 -4.51
N GLU A 15 -11.67 -3.16 -4.14
CA GLU A 15 -12.40 -3.32 -2.90
C GLU A 15 -13.30 -4.55 -3.00
N GLU A 16 -13.34 -5.35 -1.94
CA GLU A 16 -13.95 -6.67 -2.06
C GLU A 16 -15.46 -6.57 -2.27
N MET A 17 -16.16 -5.90 -1.35
CA MET A 17 -17.62 -5.92 -1.41
C MET A 17 -18.15 -5.01 -2.52
N THR A 18 -17.43 -3.95 -2.85
CA THR A 18 -17.98 -2.89 -3.68
C THR A 18 -17.30 -2.75 -5.04
N GLY A 19 -16.13 -3.37 -5.26
CA GLY A 19 -15.56 -3.52 -6.58
C GLY A 19 -14.60 -2.42 -7.04
N GLU A 20 -14.58 -1.28 -6.36
CA GLU A 20 -13.81 -0.12 -6.84
C GLU A 20 -12.32 -0.41 -6.88
N LYS A 21 -11.64 0.24 -7.81
CA LYS A 21 -10.23 0.00 -8.11
C LYS A 21 -9.36 1.11 -7.53
N GLY A 22 -8.32 0.72 -6.79
CA GLY A 22 -7.28 1.65 -6.35
C GLY A 22 -5.99 1.39 -7.10
N ILE A 23 -5.13 2.41 -7.21
CA ILE A 23 -3.89 2.33 -7.98
C ILE A 23 -2.70 2.68 -7.09
N LEU A 24 -1.61 1.90 -7.19
CA LEU A 24 -0.31 2.29 -6.67
C LEU A 24 0.66 2.51 -7.82
N ILE A 25 1.49 3.52 -7.69
CA ILE A 25 2.45 3.88 -8.74
C ILE A 25 3.81 4.01 -8.07
N TYR A 26 4.72 3.09 -8.37
CA TYR A 26 6.05 3.15 -7.79
C TYR A 26 6.86 4.26 -8.46
N PRO A 27 7.84 4.84 -7.74
CA PRO A 27 8.49 6.05 -8.27
C PRO A 27 9.22 5.84 -9.57
N ARG A 28 9.67 4.61 -9.87
CA ARG A 28 10.31 4.35 -11.16
C ARG A 28 9.36 4.57 -12.32
N GLU A 29 8.05 4.65 -12.05
CA GLU A 29 7.07 4.88 -13.09
C GLU A 29 6.54 6.30 -13.09
N LEU A 30 7.05 7.15 -12.21
CA LEU A 30 6.73 8.57 -12.22
C LEU A 30 7.75 9.32 -13.07
N GLU A 31 7.40 10.56 -13.41
CA GLU A 31 8.33 11.44 -14.11
C GLU A 31 9.08 12.23 -13.05
N VAL A 32 10.33 11.86 -12.78
CA VAL A 32 11.18 12.52 -11.82
C VAL A 32 12.18 13.39 -12.59
N VAL A 33 11.97 14.70 -12.56
CA VAL A 33 12.87 15.60 -13.27
C VAL A 33 14.23 15.60 -12.58
N GLY A 34 15.28 15.42 -13.37
CA GLY A 34 16.60 15.15 -12.84
C GLY A 34 16.76 13.78 -12.21
N GLY A 35 15.82 12.86 -12.44
CA GLY A 35 15.89 11.52 -11.88
C GLY A 35 17.13 10.71 -12.30
N ASP A 36 17.76 11.07 -13.41
CA ASP A 36 18.92 10.31 -13.87
C ASP A 36 20.23 10.95 -13.45
N ASP A 37 20.18 12.01 -12.65
CA ASP A 37 21.36 12.73 -12.16
C ASP A 37 21.54 12.42 -10.68
N ASP A 38 22.63 11.74 -10.33
CA ASP A 38 22.84 11.30 -8.95
C ASP A 38 23.00 12.47 -7.98
N SER A 39 23.50 13.62 -8.47
CA SER A 39 23.60 14.78 -7.59
C SER A 39 22.25 15.41 -7.30
N CYS A 40 21.19 15.01 -8.02
CA CYS A 40 19.83 15.44 -7.74
C CYS A 40 19.06 14.37 -6.97
N TRP A 41 18.88 13.20 -7.57
CA TRP A 41 18.20 12.09 -6.93
C TRP A 41 19.07 10.86 -7.03
N LEU A 42 19.28 10.18 -5.89
CA LEU A 42 20.00 8.93 -5.81
C LEU A 42 19.00 7.82 -5.48
N TRP A 43 18.96 6.77 -6.30
CA TRP A 43 17.96 5.73 -6.15
C TRP A 43 18.43 4.67 -5.16
N HIS A 44 17.53 4.27 -4.26
CA HIS A 44 17.81 3.36 -3.17
C HIS A 44 16.88 2.16 -3.24
N SER A 45 17.32 1.07 -2.63
CA SER A 45 16.46 -0.07 -2.39
C SER A 45 15.78 0.09 -1.04
N LEU A 46 14.47 -0.12 -1.00
CA LEU A 46 13.68 0.02 0.21
C LEU A 46 13.68 -1.28 1.01
N ILE A 47 14.11 -1.20 2.27
CA ILE A 47 14.26 -2.38 3.12
C ILE A 47 13.33 -2.25 4.32
N LEU A 48 12.58 -3.31 4.60
CA LEU A 48 11.96 -3.53 5.89
C LEU A 48 12.66 -4.73 6.51
N GLU A 49 13.29 -4.52 7.67
CA GLU A 49 14.19 -5.53 8.23
C GLU A 49 13.50 -6.87 8.42
N SER A 50 12.31 -6.87 9.04
CA SER A 50 11.61 -8.10 9.37
C SER A 50 11.06 -8.84 8.15
N GLN A 51 11.12 -8.24 6.96
CA GLN A 51 10.60 -8.86 5.74
C GLN A 51 11.65 -9.04 4.66
N GLY A 52 12.64 -8.14 4.58
CA GLY A 52 13.59 -8.15 3.50
C GLY A 52 13.35 -6.95 2.60
N GLN A 53 13.70 -7.05 1.32
CA GLN A 53 13.45 -5.93 0.42
C GLN A 53 11.98 -5.90 0.03
N LEU A 54 11.40 -4.71 0.02
CA LEU A 54 10.00 -4.55 -0.33
C LEU A 54 9.78 -4.46 -1.83
N GLY A 55 10.83 -4.63 -2.64
CA GLY A 55 10.68 -4.60 -4.08
C GLY A 55 10.40 -3.23 -4.66
N VAL A 56 10.87 -2.16 -4.01
CA VAL A 56 10.60 -0.80 -4.42
C VAL A 56 11.94 -0.06 -4.49
N GLU A 57 12.23 0.53 -5.63
CA GLU A 57 13.34 1.46 -5.80
C GLU A 57 12.81 2.87 -5.56
N VAL A 58 13.42 3.60 -4.61
CA VAL A 58 12.90 4.91 -4.22
C VAL A 58 13.98 5.98 -4.43
N PRO A 59 13.62 7.16 -4.91
CA PRO A 59 14.61 8.23 -5.05
C PRO A 59 14.74 9.07 -3.77
N LYS A 60 15.99 9.40 -3.45
CA LYS A 60 16.29 10.27 -2.31
C LYS A 60 16.93 11.54 -2.84
N LEU A 61 16.36 12.70 -2.48
CA LEU A 61 16.86 13.98 -2.95
C LEU A 61 18.23 14.29 -2.32
N MET A 62 19.21 14.64 -3.15
CA MET A 62 20.59 14.72 -2.69
C MET A 62 21.18 16.12 -2.69
N GLY A 63 20.51 17.10 -3.27
CA GLY A 63 21.04 18.44 -3.29
C GLY A 63 20.77 19.18 -4.59
N THR A 64 19.52 19.58 -4.79
CA THR A 64 19.12 20.30 -5.98
C THR A 64 18.05 21.33 -5.63
N LYS A 65 18.00 22.41 -6.40
CA LYS A 65 16.98 23.43 -6.23
C LYS A 65 15.67 23.06 -6.92
N HIS A 66 15.68 22.14 -7.88
CA HIS A 66 14.51 21.85 -8.72
C HIS A 66 13.90 20.50 -8.34
N VAL A 67 12.85 20.54 -7.52
CA VAL A 67 12.09 19.36 -7.16
C VAL A 67 10.84 19.33 -8.02
N GLU A 68 10.72 18.33 -8.89
CA GLU A 68 9.53 18.21 -9.73
C GLU A 68 9.30 16.74 -10.10
N VAL A 69 8.16 16.20 -9.67
CA VAL A 69 7.80 14.80 -9.90
C VAL A 69 6.35 14.77 -10.37
N HIS A 70 6.08 14.00 -11.41
CA HIS A 70 4.75 13.94 -12.04
C HIS A 70 4.30 12.50 -12.18
N GLY A 71 3.04 12.25 -11.83
CA GLY A 71 2.38 11.02 -12.19
C GLY A 71 1.14 11.31 -13.01
N ARG A 72 0.65 10.33 -13.76
CA ARG A 72 -0.61 10.52 -14.46
C ARG A 72 -1.36 9.20 -14.54
N TRP A 73 -2.65 9.31 -14.77
CA TRP A 73 -3.51 8.13 -14.87
C TRP A 73 -4.78 8.50 -15.60
N LYS A 74 -5.24 7.60 -16.48
CA LYS A 74 -6.45 7.84 -17.23
C LYS A 74 -7.65 7.69 -16.30
N ILE A 75 -8.45 8.77 -16.17
CA ILE A 75 -9.61 8.74 -15.31
C ILE A 75 -10.61 7.68 -15.75
N SER A 76 -10.67 7.41 -17.05
CA SER A 76 -11.58 6.39 -17.58
C SER A 76 -11.18 4.99 -17.13
N ASP A 77 -9.94 4.79 -16.67
CA ASP A 77 -9.56 3.49 -16.14
C ASP A 77 -10.04 3.26 -14.70
N LEU A 78 -10.58 4.28 -14.04
CA LEU A 78 -11.02 4.16 -12.66
C LEU A 78 -12.52 3.89 -12.62
N THR A 79 -13.06 3.79 -11.40
CA THR A 79 -14.45 3.35 -11.22
C THR A 79 -15.39 4.56 -11.27
N PRO A 80 -16.34 4.61 -12.19
CA PRO A 80 -17.06 5.87 -12.44
C PRO A 80 -17.99 6.25 -11.30
N GLY A 81 -18.21 7.56 -11.16
CA GLY A 81 -19.09 8.09 -10.14
C GLY A 81 -18.50 8.19 -8.76
N LEU A 82 -17.43 7.45 -8.47
CA LEU A 82 -16.76 7.53 -7.18
C LEU A 82 -15.98 8.83 -7.03
N LYS A 83 -15.85 9.29 -5.79
CA LYS A 83 -14.82 10.27 -5.50
C LYS A 83 -13.52 9.53 -5.17
N TYR A 84 -12.44 9.96 -5.81
CA TYR A 84 -11.11 9.42 -5.61
C TYR A 84 -10.25 10.42 -4.87
N GLN A 85 -9.20 9.91 -4.22
CA GLN A 85 -8.28 10.71 -3.44
C GLN A 85 -6.86 10.31 -3.83
N VAL A 86 -6.05 11.30 -4.20
CA VAL A 86 -4.66 11.07 -4.56
C VAL A 86 -3.77 11.27 -3.34
N LEU A 87 -2.87 10.31 -3.10
CA LEU A 87 -1.90 10.40 -2.03
C LEU A 87 -0.49 10.29 -2.57
N TYR A 88 0.43 11.01 -1.94
CA TYR A 88 1.86 10.80 -2.11
C TYR A 88 2.42 10.31 -0.78
N MET A 89 3.03 9.13 -0.79
CA MET A 89 3.69 8.55 0.37
C MET A 89 5.17 8.93 0.32
N ILE A 90 5.65 9.63 1.36
CA ILE A 90 6.98 10.19 1.36
C ILE A 90 7.64 9.96 2.71
N MET A 91 8.92 10.29 2.77
CA MET A 91 9.66 10.22 4.02
C MET A 91 10.73 11.30 3.93
N VAL A 92 11.15 11.81 5.09
CA VAL A 92 12.27 12.74 5.17
C VAL A 92 13.31 12.11 6.09
N GLU A 93 14.58 12.34 5.78
CA GLU A 93 15.70 11.71 6.49
C GLU A 93 16.85 12.69 6.61
N ASP A 94 17.61 12.58 7.70
CA ASP A 94 18.85 13.32 7.80
C ASP A 94 19.83 12.85 6.72
N PRO A 95 20.54 13.76 6.05
CA PRO A 95 20.40 15.21 6.26
C PRO A 95 19.23 15.79 5.49
N LEU A 96 18.53 16.70 6.17
CA LEU A 96 17.46 17.48 5.58
C LEU A 96 17.96 18.90 5.44
N GLU A 97 17.62 19.56 4.33
CA GLU A 97 18.12 20.92 4.10
C GLU A 97 17.24 21.61 3.07
N GLY A 98 17.10 22.93 3.24
CA GLY A 98 16.50 23.80 2.23
C GLY A 98 15.00 24.01 2.34
N TRP A 99 14.32 23.28 3.20
CA TRP A 99 12.85 23.26 3.16
C TRP A 99 12.21 24.35 4.01
N GLU A 100 12.99 25.07 4.81
CA GLU A 100 12.43 26.07 5.71
C GLU A 100 11.64 27.12 4.93
N ASN A 101 10.34 27.19 5.22
CA ASN A 101 9.44 28.16 4.58
C ASN A 101 9.29 27.93 3.08
N CYS A 102 9.68 26.76 2.60
CA CYS A 102 9.42 26.34 1.22
C CYS A 102 8.69 25.00 1.25
N PRO A 103 7.41 25.01 1.66
CA PRO A 103 6.68 23.73 1.78
C PRO A 103 6.62 23.02 0.44
N LEU A 104 6.65 21.69 0.51
CA LEU A 104 6.45 20.88 -0.68
C LEU A 104 5.04 21.09 -1.21
N LYS A 105 4.94 21.42 -2.51
CA LYS A 105 3.64 21.62 -3.16
C LYS A 105 3.13 20.31 -3.76
N LEU A 106 1.90 19.94 -3.40
CA LEU A 106 1.19 18.81 -4.00
C LEU A 106 0.06 19.31 -4.88
N ARG A 107 0.03 18.85 -6.13
CA ARG A 107 -0.92 19.38 -7.09
C ARG A 107 -1.66 18.25 -7.79
N VAL A 108 -2.96 18.46 -8.00
CA VAL A 108 -3.78 17.60 -8.85
C VAL A 108 -4.38 18.47 -9.95
N THR A 109 -4.09 18.11 -11.20
CA THR A 109 -4.61 18.78 -12.38
C THR A 109 -5.59 17.86 -13.11
N LEU A 110 -6.72 18.42 -13.53
CA LEU A 110 -7.77 17.68 -14.19
C LEU A 110 -7.70 17.87 -15.71
N PRO A 111 -8.48 17.10 -16.47
CA PRO A 111 -8.52 17.33 -17.92
C PRO A 111 -8.99 18.73 -18.31
N ASP A 112 -9.85 19.36 -17.51
CA ASP A 112 -10.32 20.71 -17.81
C ASP A 112 -9.29 21.78 -17.49
N GLY A 113 -8.04 21.40 -17.19
CA GLY A 113 -7.01 22.38 -16.89
C GLY A 113 -7.10 22.94 -15.47
N SER A 114 -8.25 22.78 -14.82
CA SER A 114 -8.38 23.13 -13.42
C SER A 114 -7.35 22.35 -12.58
N SER A 115 -6.90 22.96 -11.49
CA SER A 115 -5.93 22.31 -10.64
C SER A 115 -6.08 22.80 -9.22
N GLN A 116 -5.75 21.93 -8.26
CA GLN A 116 -5.76 22.24 -6.85
C GLN A 116 -4.40 21.89 -6.26
N THR A 117 -3.93 22.75 -5.35
CA THR A 117 -2.60 22.62 -4.77
C THR A 117 -2.71 22.64 -3.24
N GLN A 118 -2.04 21.68 -2.59
CA GLN A 118 -1.83 21.69 -1.15
C GLN A 118 -0.36 21.96 -0.85
N GLN A 119 -0.07 22.28 0.41
CA GLN A 119 1.30 22.54 0.85
C GLN A 119 1.60 21.73 2.11
N VAL A 120 2.79 21.16 2.17
CA VAL A 120 3.21 20.32 3.29
C VAL A 120 4.57 20.80 3.78
N ASP A 121 4.64 21.17 5.05
CA ASP A 121 5.86 21.70 5.65
C ASP A 121 6.72 20.51 6.06
N LEU A 122 7.73 20.20 5.23
CA LEU A 122 8.58 19.05 5.54
C LEU A 122 9.33 19.24 6.85
N CYS A 123 9.60 20.49 7.23
CA CYS A 123 10.35 20.76 8.45
C CYS A 123 9.68 20.24 9.71
N LYS A 124 8.36 20.01 9.69
CA LYS A 124 7.64 19.53 10.86
C LYS A 124 7.43 18.02 10.86
N LEU A 125 7.86 17.33 9.83
CA LEU A 125 7.57 15.90 9.80
C LEU A 125 8.56 15.13 10.68
N PRO A 126 8.12 14.10 11.38
CA PRO A 126 9.06 13.23 12.09
C PRO A 126 9.89 12.43 11.10
N LYS A 127 11.21 12.48 11.27
CA LYS A 127 12.10 11.84 10.30
C LYS A 127 11.98 10.32 10.36
N GLY A 128 11.99 9.70 9.19
CA GLY A 128 11.97 8.25 9.08
C GLY A 128 10.58 7.66 8.99
N GLN A 129 9.57 8.33 9.54
N GLN A 129 9.57 8.33 9.53
CA GLN A 129 8.22 7.80 9.48
CA GLN A 129 8.21 7.83 9.46
C GLN A 129 7.67 7.93 8.06
C GLN A 129 7.70 7.92 8.03
N LEU A 130 7.01 6.88 7.58
CA LEU A 130 6.34 6.93 6.29
C LEU A 130 5.12 7.83 6.43
N ILE A 131 5.05 8.88 5.61
CA ILE A 131 4.03 9.93 5.72
C ILE A 131 3.02 9.80 4.58
N MET A 132 1.74 9.67 4.93
CA MET A 132 0.62 9.81 3.99
C MET A 132 0.27 11.28 3.81
N THR A 133 0.61 11.85 2.65
CA THR A 133 0.18 13.21 2.33
C THR A 133 -0.94 13.15 1.30
N VAL A 134 -1.85 14.13 1.38
CA VAL A 134 -3.02 14.19 0.52
C VAL A 134 -2.74 15.23 -0.57
N ALA A 135 -2.66 14.77 -1.82
CA ALA A 135 -2.45 15.69 -2.91
C ALA A 135 -3.74 16.36 -3.37
N GLY A 136 -4.87 15.67 -3.26
CA GLY A 136 -6.13 16.24 -3.68
C GLY A 136 -7.18 15.16 -3.88
N TYR A 137 -8.32 15.60 -4.43
CA TYR A 137 -9.48 14.77 -4.68
C TYR A 137 -10.01 15.04 -6.07
N PHE A 138 -10.76 14.09 -6.62
CA PHE A 138 -11.45 14.28 -7.87
C PHE A 138 -12.56 13.25 -8.00
N ASP A 139 -13.65 13.64 -8.66
CA ASP A 139 -14.72 12.70 -9.00
C ASP A 139 -14.36 11.95 -10.27
N CYS A 140 -14.65 10.65 -10.30
CA CYS A 140 -14.31 9.85 -11.47
C CYS A 140 -15.42 9.97 -12.51
N VAL A 141 -15.24 10.92 -13.43
CA VAL A 141 -16.18 11.17 -14.52
C VAL A 141 -15.37 11.50 -15.76
N GLY A 142 -15.97 11.28 -16.93
CA GLY A 142 -15.31 11.67 -18.17
C GLY A 142 -14.07 10.85 -18.44
N ASP A 143 -13.18 11.39 -19.27
CA ASP A 143 -11.90 10.73 -19.47
C ASP A 143 -10.76 11.74 -19.52
N GLY A 144 -9.71 11.42 -20.27
CA GLY A 144 -8.48 12.18 -20.15
C GLY A 144 -7.67 11.68 -18.95
N GLU A 145 -6.56 12.38 -18.69
CA GLU A 145 -5.65 12.00 -17.62
C GLU A 145 -5.69 13.01 -16.48
N VAL A 146 -5.64 12.49 -15.26
CA VAL A 146 -5.38 13.30 -14.09
C VAL A 146 -3.87 13.31 -13.85
N ILE A 147 -3.32 14.48 -13.49
CA ILE A 147 -1.89 14.65 -13.25
C ILE A 147 -1.70 15.02 -11.79
N PHE A 148 -0.78 14.33 -11.12
CA PHE A 148 -0.55 14.56 -9.69
C PHE A 148 0.94 14.70 -9.45
N SER A 149 1.33 15.79 -8.79
CA SER A 149 2.73 16.22 -8.76
C SER A 149 3.14 16.61 -7.35
N VAL A 150 4.45 16.51 -7.09
CA VAL A 150 5.08 17.21 -5.98
C VAL A 150 6.13 18.16 -6.57
N ILE A 151 6.13 19.39 -6.10
CA ILE A 151 6.88 20.47 -6.73
C ILE A 151 7.48 21.36 -5.65
N GLU A 152 8.75 21.73 -5.84
CA GLU A 152 9.36 22.82 -5.08
C GLU A 152 10.52 23.33 -5.91
N THR A 153 10.38 24.54 -6.47
CA THR A 153 11.38 25.10 -7.37
C THR A 153 11.93 26.41 -6.85
N SER A 154 11.77 26.70 -5.56
CA SER A 154 12.36 27.89 -4.98
C SER A 154 13.89 27.84 -5.12
N ASP A 155 14.50 29.02 -5.04
CA ASP A 155 15.93 29.22 -5.28
C ASP A 155 16.74 28.88 -4.02
N VAL A 156 16.72 27.59 -3.67
CA VAL A 156 17.43 27.09 -2.49
C VAL A 156 17.68 25.59 -2.67
N VAL A 157 18.89 25.15 -2.35
CA VAL A 157 19.27 23.75 -2.50
C VAL A 157 18.53 22.90 -1.47
N LYS A 158 17.82 21.86 -1.93
CA LYS A 158 17.05 21.01 -1.05
C LYS A 158 17.60 19.58 -1.06
N LYS A 159 17.39 18.90 0.07
CA LYS A 159 17.95 17.59 0.36
C LYS A 159 16.98 16.83 1.26
N GLY A 160 17.07 15.50 1.22
CA GLY A 160 16.50 14.65 2.26
C GLY A 160 15.07 14.19 2.08
N LEU A 161 14.43 14.48 0.95
CA LEU A 161 13.10 13.99 0.65
C LEU A 161 13.21 12.64 -0.07
N VAL A 162 12.40 11.68 0.37
CA VAL A 162 12.32 10.35 -0.23
C VAL A 162 10.89 10.12 -0.66
N ILE A 163 10.69 9.71 -1.91
CA ILE A 163 9.36 9.42 -2.42
C ILE A 163 9.18 7.91 -2.42
N LYS A 164 8.16 7.44 -1.69
CA LYS A 164 7.88 6.00 -1.60
C LYS A 164 6.99 5.54 -2.74
N ASP A 165 5.81 6.14 -2.90
CA ASP A 165 4.95 5.90 -4.05
C ASP A 165 3.81 6.90 -4.04
N ALA A 166 3.04 6.90 -5.14
CA ALA A 166 1.78 7.61 -5.24
C ALA A 166 0.64 6.60 -5.19
N VAL A 167 -0.51 7.02 -4.66
CA VAL A 167 -1.68 6.17 -4.52
C VAL A 167 -2.89 6.91 -5.05
N ILE A 168 -3.77 6.19 -5.76
CA ILE A 168 -5.04 6.75 -6.22
C ILE A 168 -6.13 5.86 -5.66
N ARG A 169 -6.85 6.36 -4.68
CA ARG A 169 -7.70 5.42 -3.99
C ARG A 169 -9.14 5.91 -3.99
N PRO A 170 -10.09 4.99 -4.17
CA PRO A 170 -11.49 5.36 -4.07
C PRO A 170 -11.91 5.53 -2.61
N LEU A 171 -12.96 6.33 -2.41
CA LEU A 171 -13.57 6.45 -1.10
C LEU A 171 -14.89 5.68 -1.13
N PRO A 172 -14.89 4.41 -0.76
CA PRO A 172 -16.06 3.57 -1.01
C PRO A 172 -17.03 3.59 0.15
N PRO A 173 -18.26 3.14 -0.06
CA PRO A 173 -19.16 2.93 1.08
C PRO A 173 -18.89 1.58 1.74
N MET A 174 -19.25 1.49 3.02
CA MET A 174 -18.96 0.29 3.81
C MET A 174 -20.08 -0.02 4.79
N GLU B 28 24.90 -2.96 -6.54
CA GLU B 28 23.78 -2.98 -5.60
C GLU B 28 23.54 -1.58 -5.05
N LEU B 29 22.26 -1.23 -4.87
CA LEU B 29 21.86 0.11 -4.52
C LEU B 29 21.99 0.36 -3.01
N PRO B 30 22.27 1.59 -2.60
CA PRO B 30 22.21 1.93 -1.17
C PRO B 30 20.78 1.78 -0.67
N LYS B 31 20.61 1.75 0.65
CA LYS B 31 19.34 1.34 1.22
C LYS B 31 18.66 2.47 1.99
N VAL B 32 17.33 2.40 2.00
CA VAL B 32 16.49 3.19 2.89
C VAL B 32 15.70 2.20 3.75
N TYR B 33 15.80 2.34 5.06
CA TYR B 33 15.11 1.44 5.98
C TYR B 33 13.77 2.03 6.37
N THR B 34 12.76 1.16 6.53
CA THR B 34 11.42 1.58 6.92
C THR B 34 10.93 0.76 8.09
N GLU B 35 9.79 1.18 8.62
CA GLU B 35 9.01 0.44 9.59
C GLU B 35 7.63 0.24 8.98
N ASN B 36 6.86 -0.70 9.51
CA ASN B 36 5.63 -1.07 8.81
C ASN B 36 4.42 -0.24 9.24
N THR B 37 4.65 0.98 9.73
CA THR B 37 3.59 1.90 10.08
C THR B 37 3.61 3.07 9.12
N TRP B 38 2.49 3.80 9.07
CA TRP B 38 2.45 5.09 8.40
C TRP B 38 1.60 6.04 9.21
N MET B 39 1.77 7.33 8.92
CA MET B 39 1.12 8.41 9.65
C MET B 39 0.55 9.41 8.66
N GLU B 40 -0.67 9.85 8.90
CA GLU B 40 -1.27 10.87 8.05
C GLU B 40 -0.69 12.22 8.41
N GLU B 41 -0.03 12.87 7.45
CA GLU B 41 0.56 14.18 7.68
C GLU B 41 -0.43 15.14 8.34
N ARG B 42 -1.69 15.08 7.93
CA ARG B 42 -2.65 16.13 8.27
C ARG B 42 -3.11 16.07 9.72
N ASN B 43 -2.99 14.93 10.40
CA ASN B 43 -3.53 14.84 11.76
C ASN B 43 -2.78 13.87 12.67
N GLY B 44 -1.82 13.12 12.13
CA GLY B 44 -1.08 12.17 12.92
C GLY B 44 -1.70 10.79 13.07
N ASP B 45 -2.82 10.52 12.41
CA ASP B 45 -3.44 9.20 12.52
C ASP B 45 -2.53 8.13 11.94
N ARG B 46 -2.49 6.97 12.58
CA ARG B 46 -1.55 5.94 12.21
C ARG B 46 -2.26 4.73 11.59
N GLY B 47 -1.55 4.07 10.68
CA GLY B 47 -1.95 2.76 10.23
C GLY B 47 -0.73 1.86 10.21
N MET B 48 -0.97 0.58 9.99
CA MET B 48 0.17 -0.31 9.85
C MET B 48 -0.17 -1.48 8.95
N LEU B 49 0.89 -2.16 8.50
CA LEU B 49 0.72 -3.34 7.68
C LEU B 49 1.81 -4.34 7.99
N LYS B 50 1.58 -5.59 7.57
CA LYS B 50 2.56 -6.64 7.74
C LYS B 50 2.66 -7.41 6.44
N TYR B 51 3.87 -7.77 6.09
CA TYR B 51 4.23 -8.42 4.84
C TYR B 51 4.33 -9.94 5.05
N PRO B 52 4.34 -10.74 3.97
CA PRO B 52 4.11 -12.19 4.15
C PRO B 52 5.10 -12.87 5.08
N ARG B 53 6.37 -12.47 5.09
CA ARG B 53 7.30 -13.08 6.04
C ARG B 53 7.00 -12.72 7.48
N GLU B 54 6.15 -11.72 7.71
CA GLU B 54 5.72 -11.37 9.06
C GLU B 54 4.42 -12.05 9.46
N LEU B 55 3.84 -12.86 8.58
CA LEU B 55 2.61 -13.59 8.89
C LEU B 55 2.94 -15.03 9.24
N ASP B 56 1.98 -15.72 9.87
CA ASP B 56 2.12 -17.12 10.27
C ASP B 56 1.30 -17.98 9.30
N ILE B 57 1.97 -18.54 8.30
CA ILE B 57 1.31 -19.34 7.27
C ILE B 57 1.72 -20.79 7.47
N THR B 58 0.75 -21.62 7.85
CA THR B 58 1.00 -23.03 8.12
C THR B 58 1.45 -23.76 6.87
N ASN B 59 2.55 -24.51 7.00
CA ASN B 59 3.12 -25.33 5.92
C ASN B 59 3.69 -24.50 4.77
N VAL B 60 3.94 -23.21 5.00
CA VAL B 60 4.48 -22.36 3.93
C VAL B 60 5.87 -22.81 3.49
N ASP B 61 6.58 -23.57 4.33
CA ASP B 61 7.92 -24.05 4.00
C ASP B 61 7.95 -25.57 3.77
N ASP B 62 6.80 -26.17 3.46
CA ASP B 62 6.76 -27.61 3.21
C ASP B 62 7.21 -27.98 1.80
N GLY B 63 7.48 -27.00 0.95
CA GLY B 63 7.94 -27.28 -0.41
C GLY B 63 6.88 -27.74 -1.38
N LYS B 64 5.59 -27.72 -1.02
CA LYS B 64 4.54 -28.18 -1.92
C LYS B 64 3.30 -27.30 -1.88
N SER B 65 2.78 -27.04 -0.67
CA SER B 65 1.53 -26.28 -0.54
C SER B 65 1.69 -24.85 -1.02
N TRP B 66 2.80 -24.22 -0.65
CA TRP B 66 3.10 -22.84 -1.02
C TRP B 66 4.46 -22.79 -1.70
N VAL B 67 4.58 -21.94 -2.72
CA VAL B 67 5.85 -21.64 -3.36
C VAL B 67 6.08 -20.15 -3.28
N TRP B 68 7.21 -19.75 -2.70
CA TRP B 68 7.56 -18.33 -2.62
C TRP B 68 7.91 -17.79 -3.99
N HIS B 69 7.23 -16.73 -4.40
CA HIS B 69 7.48 -16.06 -5.66
C HIS B 69 8.12 -14.70 -5.41
N SER B 70 8.70 -14.14 -6.47
CA SER B 70 9.13 -12.75 -6.49
C SER B 70 8.01 -11.93 -7.11
N LEU B 71 7.27 -11.22 -6.28
CA LEU B 71 6.14 -10.40 -6.74
C LEU B 71 6.68 -9.10 -7.31
N VAL B 72 6.55 -8.92 -8.63
CA VAL B 72 7.15 -7.79 -9.34
C VAL B 72 6.05 -6.90 -9.89
N PHE B 73 6.05 -5.63 -9.49
CA PHE B 73 5.12 -4.62 -9.96
C PHE B 73 5.83 -3.71 -10.96
N GLY B 74 5.16 -3.45 -12.09
CA GLY B 74 5.71 -2.57 -13.11
C GLY B 74 7.08 -2.96 -13.66
N LEU B 79 12.60 -4.68 -9.31
CA LEU B 79 12.74 -5.47 -8.09
C LEU B 79 11.44 -6.15 -7.69
N GLY B 80 11.53 -7.16 -6.83
CA GLY B 80 10.37 -7.89 -6.38
C GLY B 80 10.36 -8.07 -4.88
N MET B 81 9.18 -8.37 -4.36
CA MET B 81 9.01 -8.72 -2.96
C MET B 81 8.62 -10.19 -2.86
N GLU B 82 9.10 -10.84 -1.80
CA GLU B 82 8.83 -12.24 -1.53
C GLU B 82 7.37 -12.43 -1.15
N ALA B 83 6.59 -13.12 -1.99
CA ALA B 83 5.19 -13.37 -1.72
C ALA B 83 4.86 -14.84 -2.00
N PRO B 84 4.12 -15.52 -1.12
CA PRO B 84 3.82 -16.94 -1.34
C PRO B 84 2.58 -17.16 -2.18
N LYS B 85 2.66 -18.13 -3.09
CA LYS B 85 1.51 -18.54 -3.89
C LYS B 85 1.10 -19.97 -3.52
N LEU B 86 -0.20 -20.17 -3.35
CA LEU B 86 -0.74 -21.48 -3.01
C LEU B 86 -0.77 -22.35 -4.25
N MET B 87 -0.11 -23.51 -4.20
CA MET B 87 0.04 -24.37 -5.35
C MET B 87 -0.81 -25.64 -5.28
N GLY B 88 -1.38 -25.97 -4.12
CA GLY B 88 -2.20 -27.15 -4.01
C GLY B 88 -2.14 -27.81 -2.65
N THR B 89 -3.16 -27.58 -1.84
CA THR B 89 -3.28 -28.24 -0.55
C THR B 89 -4.73 -28.14 -0.08
N THR B 90 -5.13 -29.08 0.76
CA THR B 90 -6.42 -28.96 1.42
C THR B 90 -6.35 -28.11 2.68
N HIS B 91 -5.15 -27.84 3.20
CA HIS B 91 -4.96 -27.11 4.46
C HIS B 91 -4.47 -25.70 4.18
N VAL B 92 -5.38 -24.74 4.19
CA VAL B 92 -5.07 -23.32 4.05
C VAL B 92 -5.28 -22.66 5.40
N GLU B 93 -4.22 -22.08 5.95
CA GLU B 93 -4.30 -21.46 7.27
C GLU B 93 -3.34 -20.29 7.30
N ILE B 94 -3.89 -19.07 7.28
CA ILE B 94 -3.11 -17.83 7.37
C ILE B 94 -3.53 -17.09 8.63
N ARG B 95 -2.55 -16.72 9.45
CA ARG B 95 -2.79 -15.97 10.67
C ARG B 95 -1.83 -14.79 10.75
N GLY B 96 -2.25 -13.76 11.50
CA GLY B 96 -1.40 -12.61 11.75
C GLY B 96 -1.86 -11.90 13.00
N ASP B 97 -1.04 -10.95 13.46
CA ASP B 97 -1.36 -10.22 14.67
C ASP B 97 -0.77 -8.81 14.60
N PHE B 98 -1.37 -7.90 15.36
CA PHE B 98 -0.97 -6.50 15.44
C PHE B 98 -1.18 -6.00 16.86
N LYS B 99 -0.40 -5.00 17.24
CA LYS B 99 -0.49 -4.37 18.55
C LYS B 99 -1.32 -3.09 18.48
N MET B 100 -2.34 -2.99 19.34
CA MET B 100 -3.16 -1.79 19.39
C MET B 100 -2.33 -0.55 19.72
N SER B 101 -1.31 -0.70 20.56
CA SER B 101 -0.51 0.44 21.01
C SER B 101 0.10 1.21 19.85
N LYS B 102 0.27 0.57 18.69
CA LYS B 102 0.83 1.27 17.53
C LYS B 102 -0.21 2.03 16.73
N LEU B 103 -1.49 1.91 17.08
CA LEU B 103 -2.57 2.56 16.37
C LEU B 103 -2.94 3.86 17.08
N THR B 104 -3.97 4.53 16.56
CA THR B 104 -4.40 5.80 17.09
C THR B 104 -5.65 5.59 17.94
N PRO B 105 -5.59 5.80 19.26
CA PRO B 105 -6.75 5.55 20.12
C PRO B 105 -7.96 6.38 19.70
N GLY B 106 -9.12 5.74 19.69
CA GLY B 106 -10.37 6.38 19.31
C GLY B 106 -10.68 6.35 17.83
N LEU B 107 -9.73 5.96 16.98
CA LEU B 107 -9.90 6.05 15.54
C LEU B 107 -10.48 4.77 14.97
N LYS B 108 -11.37 4.92 13.98
CA LYS B 108 -12.02 3.78 13.33
C LYS B 108 -11.15 3.22 12.22
N TYR B 109 -10.99 1.90 12.21
CA TYR B 109 -10.07 1.20 11.33
C TYR B 109 -10.81 0.21 10.46
N GLN B 110 -10.21 -0.11 9.32
CA GLN B 110 -10.60 -1.27 8.51
C GLN B 110 -9.40 -2.21 8.42
N ALA B 111 -9.63 -3.48 8.73
CA ALA B 111 -8.60 -4.51 8.64
C ALA B 111 -8.77 -5.29 7.34
N VAL B 112 -7.69 -5.41 6.58
CA VAL B 112 -7.74 -6.01 5.25
C VAL B 112 -6.56 -6.95 5.02
N LEU B 113 -6.77 -7.92 4.14
CA LEU B 113 -5.72 -8.79 3.62
C LEU B 113 -5.67 -8.63 2.10
N LEU B 114 -4.57 -8.09 1.60
CA LEU B 114 -4.36 -7.95 0.16
C LEU B 114 -3.94 -9.30 -0.41
N CYS B 115 -4.74 -9.85 -1.31
CA CYS B 115 -4.51 -11.19 -1.82
C CYS B 115 -5.12 -11.30 -3.22
N MET B 116 -4.72 -12.36 -3.94
CA MET B 116 -5.10 -12.46 -5.34
C MET B 116 -5.44 -13.90 -5.72
N LYS B 117 -6.60 -14.08 -6.35
CA LYS B 117 -6.94 -15.33 -7.01
C LYS B 117 -6.37 -15.31 -8.43
N THR B 118 -5.42 -16.20 -8.70
CA THR B 118 -4.73 -16.21 -9.97
C THR B 118 -5.45 -17.09 -10.99
N ASP B 119 -5.08 -16.92 -12.26
CA ASP B 119 -5.56 -17.78 -13.31
C ASP B 119 -5.17 -19.23 -13.02
N GLY B 120 -6.08 -20.16 -13.30
CA GLY B 120 -5.81 -21.55 -12.99
C GLY B 120 -6.11 -21.96 -11.57
N ASN B 121 -6.92 -21.20 -10.85
CA ASN B 121 -7.29 -21.54 -9.49
C ASN B 121 -8.24 -22.74 -9.47
N GLU B 122 -8.24 -23.45 -8.36
CA GLU B 122 -9.00 -24.68 -8.23
C GLU B 122 -9.45 -24.83 -6.79
N GLY B 123 -10.56 -25.53 -6.61
CA GLY B 123 -11.03 -25.89 -5.29
C GLY B 123 -11.94 -24.89 -4.61
N TRP B 124 -12.09 -23.68 -5.16
CA TRP B 124 -12.80 -22.63 -4.45
C TRP B 124 -14.31 -22.68 -4.65
N ASP B 125 -14.83 -23.51 -5.57
CA ASP B 125 -16.27 -23.56 -5.79
C ASP B 125 -17.01 -24.04 -4.55
N SER B 126 -16.50 -25.09 -3.90
CA SER B 126 -17.20 -25.69 -2.77
C SER B 126 -16.71 -25.19 -1.43
N CYS B 127 -15.55 -24.54 -1.38
CA CYS B 127 -14.91 -24.20 -0.10
C CYS B 127 -14.72 -22.71 0.08
N PRO B 128 -15.61 -22.04 0.80
CA PRO B 128 -15.34 -20.66 1.20
C PRO B 128 -14.22 -20.62 2.21
N LEU B 129 -13.48 -19.51 2.21
CA LEU B 129 -12.52 -19.25 3.27
C LEU B 129 -13.23 -18.70 4.49
N ASN B 130 -12.84 -19.18 5.67
CA ASN B 130 -13.38 -18.70 6.92
C ASN B 130 -12.45 -17.65 7.51
N VAL B 131 -12.99 -16.48 7.80
CA VAL B 131 -12.21 -15.30 8.17
C VAL B 131 -12.66 -14.82 9.53
N GLU B 132 -11.69 -14.59 10.42
CA GLU B 132 -11.97 -14.11 11.77
C GLU B 132 -11.06 -12.94 12.10
N LEU B 133 -11.63 -11.95 12.78
CA LEU B 133 -10.86 -10.88 13.40
C LEU B 133 -11.15 -10.91 14.88
N ASN B 134 -10.10 -11.04 15.70
CA ASN B 134 -10.20 -11.08 17.15
C ASN B 134 -9.67 -9.79 17.74
N LEU B 135 -10.48 -9.12 18.57
CA LEU B 135 -10.17 -7.86 19.20
C LEU B 135 -9.85 -8.05 20.69
N PRO B 136 -9.12 -7.11 21.30
CA PRO B 136 -8.74 -7.27 22.71
C PRO B 136 -9.92 -7.33 23.66
N ASP B 137 -11.08 -6.78 23.29
CA ASP B 137 -12.25 -6.81 24.15
C ASP B 137 -12.96 -8.18 24.14
N GLY B 138 -12.35 -9.20 23.56
CA GLY B 138 -12.92 -10.53 23.51
C GLY B 138 -13.89 -10.82 22.39
N THR B 139 -14.23 -9.82 21.57
CA THR B 139 -15.16 -10.07 20.48
C THR B 139 -14.44 -10.70 19.29
N THR B 140 -15.23 -11.24 18.37
CA THR B 140 -14.69 -11.86 17.17
C THR B 140 -15.68 -11.63 16.04
N GLN B 141 -15.18 -11.12 14.91
CA GLN B 141 -16.00 -10.94 13.71
C GLN B 141 -15.68 -12.07 12.74
N LYS B 142 -16.70 -12.80 12.32
CA LYS B 142 -16.55 -13.97 11.48
C LYS B 142 -17.32 -13.77 10.19
N ARG B 143 -16.76 -14.28 9.09
CA ARG B 143 -17.46 -14.27 7.82
C ARG B 143 -16.92 -15.39 6.94
N GLU B 144 -17.75 -15.88 6.03
CA GLU B 144 -17.32 -16.78 4.97
C GLU B 144 -17.04 -15.97 3.73
N VAL B 145 -15.99 -16.33 3.01
CA VAL B 145 -15.56 -15.61 1.81
C VAL B 145 -15.55 -16.61 0.66
N ASP B 146 -16.43 -16.41 -0.31
CA ASP B 146 -16.48 -17.22 -1.52
C ASP B 146 -15.52 -16.64 -2.55
N LEU B 147 -14.40 -17.33 -2.78
CA LEU B 147 -13.33 -16.82 -3.63
C LEU B 147 -13.68 -16.83 -5.11
N THR B 148 -14.66 -17.62 -5.54
CA THR B 148 -14.99 -17.63 -6.97
C THR B 148 -15.54 -16.29 -7.43
N LYS B 149 -15.95 -15.42 -6.50
CA LYS B 149 -16.44 -14.09 -6.84
C LYS B 149 -15.32 -13.05 -6.94
N PHE B 150 -14.10 -13.40 -6.52
CA PHE B 150 -12.97 -12.49 -6.69
C PHE B 150 -12.59 -12.43 -8.17
N PRO B 151 -12.14 -11.27 -8.64
CA PRO B 151 -11.63 -11.20 -10.02
C PRO B 151 -10.35 -12.00 -10.15
N THR B 152 -10.11 -12.50 -11.36
CA THR B 152 -8.92 -13.29 -11.62
C THR B 152 -7.73 -12.40 -11.96
N ASP B 153 -6.59 -12.66 -11.32
CA ASP B 153 -5.31 -12.04 -11.62
C ASP B 153 -5.26 -10.56 -11.23
N GLU B 154 -6.01 -10.15 -10.21
CA GLU B 154 -5.81 -8.83 -9.64
C GLU B 154 -6.06 -8.88 -8.14
N PHE B 155 -5.32 -8.03 -7.43
CA PHE B 155 -5.38 -8.05 -5.97
C PHE B 155 -6.70 -7.47 -5.48
N VAL B 156 -7.19 -8.04 -4.39
CA VAL B 156 -8.42 -7.64 -3.74
C VAL B 156 -8.09 -7.36 -2.27
N MET B 157 -8.69 -6.31 -1.72
CA MET B 157 -8.59 -5.99 -0.31
C MET B 157 -9.65 -6.80 0.43
N MET B 158 -9.31 -8.04 0.78
CA MET B 158 -10.24 -8.90 1.51
C MET B 158 -10.51 -8.31 2.88
N VAL B 159 -11.78 -8.10 3.22
CA VAL B 159 -12.12 -7.42 4.46
C VAL B 159 -12.04 -8.41 5.62
N LEU B 160 -11.14 -8.15 6.57
CA LEU B 160 -11.10 -8.96 7.78
C LEU B 160 -12.10 -8.48 8.81
N GLY B 161 -12.36 -7.18 8.88
CA GLY B 161 -13.27 -6.65 9.87
C GLY B 161 -13.04 -5.17 10.11
N TYR B 162 -13.80 -4.66 11.08
CA TYR B 162 -13.79 -3.24 11.44
C TYR B 162 -13.73 -3.11 12.95
N PHE B 163 -13.06 -2.07 13.42
CA PHE B 163 -12.92 -1.85 14.86
C PHE B 163 -12.48 -0.43 15.12
N GLU B 164 -12.69 0.01 16.35
CA GLU B 164 -12.14 1.25 16.87
C GLU B 164 -10.97 0.95 17.79
N ALA B 165 -9.86 1.67 17.62
CA ALA B 165 -8.63 1.33 18.34
C ALA B 165 -8.65 1.85 19.77
N VAL B 166 -8.13 1.03 20.68
CA VAL B 166 -7.94 1.44 22.06
C VAL B 166 -6.45 1.53 22.34
N GLU B 167 -6.07 1.69 23.61
CA GLU B 167 -4.69 2.04 23.93
C GLU B 167 -3.76 0.83 23.91
N SER B 168 -4.26 -0.37 24.16
CA SER B 168 -3.38 -1.53 24.26
C SER B 168 -4.16 -2.80 23.95
N GLY B 169 -3.42 -3.87 23.70
CA GLY B 169 -4.00 -5.17 23.44
C GLY B 169 -3.57 -5.72 22.08
N ASP B 170 -3.82 -7.01 21.91
CA ASP B 170 -3.45 -7.73 20.71
C ASP B 170 -4.64 -7.85 19.76
N ILE B 171 -4.38 -7.61 18.48
CA ILE B 171 -5.33 -7.91 17.41
C ILE B 171 -4.82 -9.15 16.68
N THR B 172 -5.70 -10.12 16.44
CA THR B 172 -5.32 -11.28 15.65
C THR B 172 -6.36 -11.54 14.58
N PHE B 173 -5.94 -12.15 13.48
CA PHE B 173 -6.86 -12.52 12.42
C PHE B 173 -6.47 -13.90 11.90
N SER B 174 -7.43 -14.57 11.27
CA SER B 174 -7.17 -15.84 10.62
C SER B 174 -8.00 -15.95 9.36
N VAL B 175 -7.42 -16.57 8.33
CA VAL B 175 -8.10 -16.91 7.08
C VAL B 175 -7.85 -18.40 6.87
N VAL B 176 -8.90 -19.21 6.97
CA VAL B 176 -8.72 -20.66 7.13
C VAL B 176 -9.72 -21.44 6.29
N ASP B 177 -9.23 -22.50 5.64
CA ASP B 177 -10.07 -23.64 5.28
C ASP B 177 -9.20 -24.90 5.24
N THR B 178 -9.67 -25.95 5.90
CA THR B 178 -8.98 -27.24 5.91
C THR B 178 -9.84 -28.35 5.28
N SER B 179 -10.87 -27.98 4.54
CA SER B 179 -11.81 -28.95 3.98
C SER B 179 -11.15 -29.77 2.88
N ASP B 180 -11.88 -30.81 2.43
CA ASP B 180 -11.34 -31.85 1.56
C ASP B 180 -10.95 -31.35 0.17
N CYS B 181 -11.39 -30.16 -0.22
CA CYS B 181 -11.10 -29.65 -1.55
C CYS B 181 -9.64 -29.21 -1.67
N VAL B 182 -8.97 -29.60 -2.75
CA VAL B 182 -7.58 -29.24 -2.98
C VAL B 182 -7.55 -27.84 -3.57
N LYS B 183 -7.09 -26.86 -2.79
CA LYS B 183 -7.16 -25.46 -3.16
C LYS B 183 -5.85 -24.99 -3.77
N LYS B 184 -5.95 -24.12 -4.77
CA LYS B 184 -4.84 -23.79 -5.66
C LYS B 184 -5.02 -22.38 -6.22
N GLY B 185 -3.92 -21.64 -6.37
CA GLY B 185 -3.95 -20.38 -7.08
C GLY B 185 -4.37 -19.18 -6.26
N PHE B 186 -3.55 -18.82 -5.27
CA PHE B 186 -3.91 -17.79 -4.30
C PHE B 186 -2.61 -17.18 -3.79
N VAL B 187 -2.44 -15.88 -3.99
CA VAL B 187 -1.24 -15.16 -3.56
C VAL B 187 -1.61 -14.26 -2.39
N VAL B 188 -0.77 -14.27 -1.36
CA VAL B 188 -0.88 -13.39 -0.19
C VAL B 188 0.14 -12.27 -0.33
N LYS B 189 -0.32 -11.01 -0.35
CA LYS B 189 0.59 -9.87 -0.50
C LYS B 189 0.92 -9.19 0.82
N ASP B 190 -0.08 -8.80 1.60
CA ASP B 190 0.17 -8.14 2.87
C ASP B 190 -1.14 -8.00 3.63
N ALA B 191 -1.02 -7.78 4.94
CA ALA B 191 -2.16 -7.48 5.80
C ALA B 191 -2.02 -6.05 6.31
N ALA B 192 -3.11 -5.30 6.34
CA ALA B 192 -3.02 -3.90 6.72
C ALA B 192 -4.18 -3.49 7.61
N LEU B 193 -3.89 -2.59 8.54
CA LEU B 193 -4.87 -1.93 9.39
C LEU B 193 -4.87 -0.46 9.01
N ARG B 194 -5.93 -0.02 8.34
CA ARG B 194 -5.92 1.35 7.84
C ARG B 194 -7.08 2.13 8.42
N PRO B 195 -6.86 3.39 8.80
CA PRO B 195 -7.98 4.27 9.12
C PRO B 195 -8.94 4.30 7.93
N LEU B 196 -10.22 4.45 8.21
CA LEU B 196 -11.19 4.51 7.14
C LEU B 196 -10.73 5.55 6.11
N PRO B 197 -10.76 5.24 4.82
CA PRO B 197 -10.36 6.22 3.81
C PRO B 197 -11.25 7.46 3.87
N ARG B 198 -10.61 8.61 4.01
CA ARG B 198 -11.32 9.90 3.93
C ARG B 198 -10.34 11.04 3.58
S SO4 C . 3.08 -1.52 -0.41
O1 SO4 C . 1.86 -1.17 0.32
O2 SO4 C . 3.07 -2.96 -0.69
O3 SO4 C . 4.27 -1.18 0.38
O4 SO4 C . 3.11 -0.77 -1.66
CAA UR0 D . -1.44 -2.43 -0.11
CAB UR0 D . -2.38 -1.66 -0.79
CAC UR0 D . -2.98 -0.57 -0.16
CAD UR0 D . -2.65 -0.26 1.16
CAE UR0 D . -1.71 -1.03 1.83
CAF UR0 D . -1.11 -2.11 1.20
CAG UR0 D . -3.21 0.82 1.82
CAH UR0 D . -4.42 1.48 1.17
CAI UR0 D . -5.00 2.72 1.90
CAJ UR0 D . -4.32 3.17 3.20
CAL UR0 D . -3.49 4.46 3.00
CAM UR0 D . -2.20 4.15 2.23
CAN UR0 D . -1.21 3.22 2.91
CAO UR0 D . -0.04 2.92 2.20
CAP UR0 D . 1.05 2.35 2.85
CAQ UR0 D . 2.21 2.03 2.16
CAR UR0 D . 2.29 2.30 0.79
CAS UR0 D . 1.21 2.85 0.13
CAT UR0 D . 0.04 3.17 0.84
OAK UR0 D . -6.00 3.28 1.46
OAU UR0 D . -0.83 -3.48 -0.69
OAV UR0 D . 3.43 2.01 0.11
#